data_8OJC
#
_entry.id   8OJC
#
_cell.length_a   1.00
_cell.length_b   1.00
_cell.length_c   1.00
_cell.angle_alpha   90.00
_cell.angle_beta   90.00
_cell.angle_gamma   90.00
#
_symmetry.space_group_name_H-M   'P 1'
#
loop_
_entity.id
_entity.type
_entity.pdbx_description
1 polymer 'DNA (47-MER)'
2 polymer 'DNA polymerase catalytic subunit'
3 non-polymer 'CALCIUM ION'
4 water water
#
loop_
_entity_poly.entity_id
_entity_poly.type
_entity_poly.pdbx_seq_one_letter_code
_entity_poly.pdbx_strand_id
1 'polydeoxyribonucleotide'
;(DG)(DC)(DC)(DA)(DC)(DT)(DA)(DC)(DG)(DA)(DC)(DA)(DC)(DC)(DT)(DT)(DG)(DA)(DT)(DC)
(DG)(DC)(DC)(DT)(DC)(DG)(DC)(DA)(DG)(DC)(DC)(DG)(DT)(DC)(DC)(DA)(DA)(DC)(DC)(DA)
(DA)(DC)(DT)(DC)(DA)(DA)(AS)
;
C
2 'polypeptide(L)'
;MFSGGGGPLSPGGKSAARAASGFFAPAGPRGASRGPPPCLRQNFYNPYLAPVGTQQKPTGPTQRHTYYSECDEFRFIAPR
VLDEDAPPEKRAGVHDGHLKRAPKVYCGGDERDVLRVGSGGFWPRRSRLWGGVDHAPAGFNPTVTVFHVYDILENVEHAY
GMRAAQFHARFMDAITPTGTVITLLGLTPEGHRVAVHVYGTRQYFYMNKEEVDRHLQCRAPRDLCERMAAALRESPGASF
RGISADHFEAEVVERTDVYYYETRPALFYRVYVRSGRVLSYLCDNFCPAIKKYEGGVDATTRFILDNPGFVTFGWYRLKP
GRNNTLAQPRAPMAFGTSSDVEFNCTADNLAIEGGMSDLPAYKLMCFDIECKAGGEDELAFPVAGHPEDLVIQISCLLYD
LSTTALEHVLLFSLGSCDLPESHLNELAARGLPTPVVLEFDSEFEMLLAFMTLVKQYGPEFVTGYNIINFDWPFLLAKLT
DIYKVPLDGYGRMNGRGVFRVWDIGQSHFQKRSKIKVNGMVNIDMYGIITDKIKLSSYKLNAVAEAVLKDKKKDLSYRDI
PAYYAAGPAQRGVIGEYCIQDSLLVGQLFFKFLPHLELSAVARLAGINITRTIYDGQQIRVFTCLLRLADQKGFILPDTQ
GRFRGAGGEAPKRPAAAREDEERPEEEGEDEDEREEGGGEREPEGARETAGRHVGYQGARVLDPTSGFHVNPVVVFDFAS
LYPSIIQAHNLCFSTLSLRADAVAHLEAGKDYLEIEVGGRRLFFVKAHVRESLLSILLRDWLAMRKQIRSRIPQSSPEEA
VLLDKQQAAIKVVCNSVYGFTGVQHGLLPCLHVAATVTTIGREMLLATREYVHARWAAFEQLLADFPEAADMRAPGPYSM
RIIYGDTDSIFVLCRGLTAAGLTAVGDKMASHISRALFLPPIKLECEKTFTKLLLIAKKKYIGVIYGGKMLIKGVDLVRK
NNCAFINRTSRALVDLLFYDDTVSGAAAALAERPAEEWLARPLPEGLQAFGAVLVDAHRRITDPERDIQDFVLTAELSRH
PRAYTNKRLAHLTVYYKLMARRAQVPSIKDRIPYVIVAQTREVEETVARLAALRELDAAAPGDEPAPPAALPSPAKRPRE
TPSPADPPGGASKPRKLLVSELAEDPAYAIAHGVALNTDYYFSHLLGAACVTFKALFGNNAKITESLLKRFIPEVWHPPD
DVAARLRTAGFGAVGAGATAEETRRMLHRAFDTLA
;
A
#
# COMPACT_ATOMS: atom_id res chain seq x y z
N THR B 59 8.39 30.65 2.76
CA THR B 59 7.41 30.36 3.85
C THR B 59 7.42 28.87 4.16
N GLY B 60 6.81 28.06 3.29
CA GLY B 60 6.73 26.62 3.47
C GLY B 60 5.62 26.22 4.43
N PRO B 61 5.44 24.90 4.70
CA PRO B 61 4.45 24.42 5.67
C PRO B 61 4.76 24.80 7.12
N THR B 62 3.70 25.03 7.90
CA THR B 62 3.79 25.41 9.30
C THR B 62 4.39 24.27 10.12
N GLN B 63 3.90 23.05 9.85
CA GLN B 63 4.47 21.83 10.41
C GLN B 63 5.24 21.11 9.30
N ARG B 64 6.47 20.68 9.57
CA ARG B 64 7.36 20.10 8.59
C ARG B 64 6.81 18.79 8.05
N HIS B 65 6.81 18.61 6.73
CA HIS B 65 6.53 17.30 6.16
C HIS B 65 7.77 16.42 6.28
N THR B 66 7.63 15.16 6.69
CA THR B 66 8.78 14.31 6.97
C THR B 66 8.95 13.17 5.96
N TYR B 67 7.99 13.00 5.03
CA TYR B 67 8.10 11.98 3.98
C TYR B 67 9.06 12.50 2.94
N TYR B 68 9.65 11.64 2.12
CA TYR B 68 10.59 12.12 1.10
C TYR B 68 9.83 12.78 -0.05
N SER B 69 9.93 14.10 -0.15
CA SER B 69 9.47 14.81 -1.33
C SER B 69 10.63 14.95 -2.34
N GLU B 70 11.86 14.76 -1.85
CA GLU B 70 13.08 14.87 -2.64
C GLU B 70 14.10 13.88 -2.10
N CYS B 71 15.04 13.47 -2.97
CA CYS B 71 16.04 12.46 -2.65
C CYS B 71 17.06 12.43 -3.79
N ASP B 72 18.33 12.65 -3.46
CA ASP B 72 19.38 12.76 -4.46
C ASP B 72 20.51 11.75 -4.23
N GLU B 73 20.45 10.97 -3.15
CA GLU B 73 21.40 9.88 -2.94
C GLU B 73 20.75 8.79 -2.08
N PHE B 74 21.10 7.54 -2.35
CA PHE B 74 20.47 6.43 -1.67
C PHE B 74 21.33 5.17 -1.75
N ARG B 75 21.00 4.20 -0.89
CA ARG B 75 21.67 2.92 -0.91
C ARG B 75 21.06 2.08 -2.03
N PHE B 76 21.89 1.76 -3.02
CA PHE B 76 21.51 0.95 -4.18
C PHE B 76 21.77 -0.53 -3.91
N ILE B 77 20.71 -1.34 -3.82
CA ILE B 77 20.84 -2.79 -3.67
C ILE B 77 20.03 -3.46 -4.78
N ALA B 78 20.68 -4.33 -5.55
CA ALA B 78 20.03 -5.01 -6.65
C ALA B 78 20.71 -6.36 -6.93
N PRO B 79 19.95 -7.38 -7.36
CA PRO B 79 20.55 -8.64 -7.80
C PRO B 79 21.45 -8.44 -9.03
N ARG B 80 22.64 -9.06 -8.97
CA ARG B 80 23.62 -8.91 -10.03
C ARG B 80 23.15 -9.59 -11.31
N VAL B 81 22.21 -10.53 -11.21
CA VAL B 81 21.71 -11.23 -12.39
C VAL B 81 20.93 -10.30 -13.33
N LEU B 82 20.49 -9.12 -12.85
CA LEU B 82 19.85 -8.13 -13.72
C LEU B 82 20.85 -7.50 -14.68
N ASP B 83 22.15 -7.59 -14.36
CA ASP B 83 23.20 -7.17 -15.29
C ASP B 83 23.36 -8.26 -16.36
N GLU B 84 22.38 -8.29 -17.27
CA GLU B 84 22.30 -9.28 -18.34
C GLU B 84 23.46 -9.08 -19.32
N ASP B 85 24.13 -7.92 -19.23
CA ASP B 85 25.29 -7.57 -20.04
C ASP B 85 26.62 -7.95 -19.36
N ALA B 86 26.59 -8.28 -18.06
CA ALA B 86 27.79 -8.65 -17.32
C ALA B 86 28.11 -10.13 -17.51
N PRO B 87 29.41 -10.54 -17.38
CA PRO B 87 29.79 -11.95 -17.54
C PRO B 87 29.32 -12.81 -16.37
N PRO B 88 29.08 -14.13 -16.59
CA PRO B 88 28.50 -15.02 -15.58
C PRO B 88 29.16 -15.01 -14.21
N GLU B 89 30.50 -14.83 -14.18
CA GLU B 89 31.27 -14.84 -12.94
C GLU B 89 30.82 -13.74 -11.97
N LYS B 90 30.11 -12.72 -12.48
CA LYS B 90 29.69 -11.57 -11.67
C LYS B 90 28.16 -11.42 -11.64
N ARG B 91 27.42 -12.49 -11.94
CA ARG B 91 25.96 -12.47 -11.91
C ARG B 91 25.41 -12.94 -10.56
N ALA B 92 26.28 -13.39 -9.65
CA ALA B 92 25.83 -13.89 -8.34
C ALA B 92 25.78 -12.76 -7.31
N GLY B 93 24.89 -12.93 -6.33
CA GLY B 93 24.78 -12.01 -5.21
C GLY B 93 24.03 -10.72 -5.58
N VAL B 94 24.21 -9.70 -4.72
CA VAL B 94 23.59 -8.41 -4.91
C VAL B 94 24.67 -7.33 -4.86
N HIS B 95 24.56 -6.31 -5.71
CA HIS B 95 25.35 -5.10 -5.51
C HIS B 95 24.78 -4.40 -4.26
N ASP B 96 25.64 -3.81 -3.42
CA ASP B 96 25.20 -3.08 -2.23
C ASP B 96 26.14 -1.91 -1.98
N GLY B 97 25.74 -0.72 -2.44
CA GLY B 97 26.55 0.48 -2.29
C GLY B 97 25.70 1.74 -2.31
N HIS B 98 26.34 2.90 -2.24
N HIS B 98 26.36 2.90 -2.23
CA HIS B 98 25.63 4.17 -2.30
CA HIS B 98 25.69 4.18 -2.29
C HIS B 98 25.69 4.71 -3.72
C HIS B 98 25.69 4.67 -3.74
N LEU B 99 24.65 5.43 -4.11
N LEU B 99 24.65 5.43 -4.11
CA LEU B 99 24.52 5.96 -5.46
C LEU B 99 23.92 7.36 -5.42
N LYS B 100 24.67 8.35 -5.93
CA LYS B 100 24.27 9.75 -5.85
C LYS B 100 23.53 10.19 -7.10
N ARG B 101 22.30 9.66 -7.28
CA ARG B 101 21.33 10.21 -8.22
C ARG B 101 19.92 10.10 -7.64
N ALA B 102 18.96 10.82 -8.23
CA ALA B 102 17.57 10.74 -7.83
C ALA B 102 17.01 9.33 -8.09
N PRO B 103 16.23 8.75 -7.16
CA PRO B 103 15.49 7.52 -7.45
C PRO B 103 14.60 7.66 -8.67
N LYS B 104 14.59 6.65 -9.53
CA LYS B 104 13.85 6.73 -10.77
C LYS B 104 13.08 5.44 -11.03
N VAL B 105 12.06 5.59 -11.90
CA VAL B 105 11.10 4.55 -12.25
C VAL B 105 10.98 4.53 -13.76
N TYR B 106 10.86 3.32 -14.33
CA TYR B 106 10.69 3.14 -15.75
C TYR B 106 9.31 2.54 -15.98
N CYS B 107 8.64 3.02 -17.04
CA CYS B 107 7.32 2.51 -17.37
C CYS B 107 7.11 2.61 -18.88
N GLY B 108 6.96 1.46 -19.54
CA GLY B 108 6.64 1.38 -20.96
C GLY B 108 7.63 2.14 -21.85
N GLY B 109 8.91 2.19 -21.45
CA GLY B 109 9.94 2.88 -22.20
C GLY B 109 10.17 4.32 -21.71
N ASP B 110 9.21 4.89 -20.98
CA ASP B 110 9.34 6.21 -20.38
C ASP B 110 10.04 6.10 -19.02
N GLU B 111 10.53 7.24 -18.54
CA GLU B 111 11.44 7.28 -17.42
C GLU B 111 11.19 8.56 -16.61
N ARG B 112 11.04 8.40 -15.29
CA ARG B 112 10.71 9.50 -14.41
C ARG B 112 11.43 9.37 -13.07
N ASP B 113 11.69 10.51 -12.42
CA ASP B 113 12.07 10.49 -11.01
C ASP B 113 10.86 10.05 -10.19
N VAL B 114 11.08 9.14 -9.24
CA VAL B 114 10.03 8.61 -8.38
C VAL B 114 9.30 9.75 -7.64
N LEU B 115 10.03 10.77 -7.18
CA LEU B 115 9.46 11.77 -6.28
C LEU B 115 9.00 13.02 -7.02
N ARG B 116 9.16 13.06 -8.34
CA ARG B 116 8.60 14.12 -9.17
C ARG B 116 7.07 14.00 -9.19
N VAL B 117 6.38 15.13 -8.98
CA VAL B 117 4.93 15.22 -9.14
C VAL B 117 4.62 16.18 -10.29
N GLY B 118 3.78 15.69 -11.22
CA GLY B 118 3.41 16.40 -12.43
C GLY B 118 2.46 15.56 -13.30
N SER B 119 2.22 16.02 -14.53
CA SER B 119 1.12 15.52 -15.36
C SER B 119 1.39 14.10 -15.86
N GLY B 120 2.66 13.71 -15.96
CA GLY B 120 3.04 12.49 -16.65
C GLY B 120 3.19 11.27 -15.74
N GLY B 121 2.70 11.34 -14.50
CA GLY B 121 2.90 10.30 -13.49
C GLY B 121 2.45 8.91 -13.93
N PHE B 122 3.17 7.88 -13.43
CA PHE B 122 2.90 6.51 -13.82
C PHE B 122 1.88 5.85 -12.90
N TRP B 123 1.58 6.48 -11.76
CA TRP B 123 0.58 5.96 -10.83
C TRP B 123 -0.40 7.07 -10.47
N PRO B 124 -1.65 6.76 -10.06
CA PRO B 124 -2.64 7.81 -9.74
C PRO B 124 -2.32 8.53 -8.43
N ARG B 125 -2.76 9.78 -8.33
CA ARG B 125 -2.59 10.56 -7.12
C ARG B 125 -3.90 11.17 -6.65
N ARG B 126 -4.01 11.40 -5.32
CA ARG B 126 -5.08 12.17 -4.71
C ARG B 126 -4.47 13.15 -3.73
N SER B 127 -3.54 13.91 -4.26
CA SER B 127 -2.58 14.70 -3.50
C SER B 127 -2.79 16.17 -3.87
N ARG B 128 -3.00 17.02 -2.87
CA ARG B 128 -3.02 18.44 -3.14
C ARG B 128 -1.62 19.03 -2.96
N LEU B 129 -1.03 18.76 -1.78
CA LEU B 129 0.31 19.22 -1.46
C LEU B 129 1.31 18.09 -1.69
N TRP B 130 2.45 18.44 -2.29
CA TRP B 130 3.61 17.58 -2.29
C TRP B 130 4.83 18.40 -1.86
N GLY B 131 5.40 18.03 -0.70
CA GLY B 131 6.54 18.75 -0.14
C GLY B 131 6.24 20.20 0.20
N GLY B 132 4.95 20.56 0.32
CA GLY B 132 4.56 21.93 0.58
C GLY B 132 4.04 22.68 -0.66
N VAL B 133 4.38 22.19 -1.86
CA VAL B 133 3.91 22.79 -3.11
C VAL B 133 2.44 22.38 -3.33
N ASP B 134 1.57 23.38 -3.55
CA ASP B 134 0.14 23.16 -3.69
C ASP B 134 -0.16 22.52 -5.05
N VAL B 146 -21.20 18.77 3.43
CA VAL B 146 -21.21 17.55 4.31
C VAL B 146 -20.01 16.67 3.98
N PHE B 147 -19.64 15.83 4.95
CA PHE B 147 -18.49 14.94 4.84
C PHE B 147 -18.71 13.68 5.67
N HIS B 148 -18.07 12.59 5.23
CA HIS B 148 -18.11 11.34 5.94
C HIS B 148 -16.78 11.10 6.64
N VAL B 149 -16.82 10.73 7.93
CA VAL B 149 -15.65 10.45 8.73
C VAL B 149 -15.44 8.95 8.76
N TYR B 150 -14.23 8.48 8.48
CA TYR B 150 -13.90 7.07 8.61
C TYR B 150 -12.91 6.84 9.75
N ASP B 151 -12.16 7.86 10.16
CA ASP B 151 -11.08 7.71 11.13
C ASP B 151 -10.89 9.00 11.90
N ILE B 152 -10.38 8.87 13.15
CA ILE B 152 -10.16 10.01 14.02
C ILE B 152 -8.77 9.95 14.65
N LEU B 153 -8.01 11.06 14.53
CA LEU B 153 -6.67 11.18 15.12
C LEU B 153 -6.71 12.10 16.33
N GLU B 154 -5.85 11.84 17.33
CA GLU B 154 -5.61 12.77 18.42
C GLU B 154 -4.17 13.27 18.32
N ASN B 155 -3.97 14.59 18.38
CA ASN B 155 -2.64 15.19 18.29
C ASN B 155 -2.60 16.42 19.17
N VAL B 156 -1.39 16.89 19.49
CA VAL B 156 -1.20 18.08 20.33
C VAL B 156 -0.65 19.23 19.46
N GLU B 157 -1.24 20.41 19.62
CA GLU B 157 -0.80 21.62 18.91
C GLU B 157 -0.42 22.72 19.92
N GLY B 179 -2.59 22.11 23.53
CA GLY B 179 -3.97 21.58 23.58
C GLY B 179 -4.16 20.37 22.65
N THR B 180 -5.05 19.46 23.06
CA THR B 180 -5.38 18.27 22.29
C THR B 180 -6.37 18.62 21.18
N VAL B 181 -5.97 18.33 19.93
CA VAL B 181 -6.80 18.55 18.76
C VAL B 181 -7.26 17.19 18.23
N ILE B 182 -8.56 17.08 17.94
CA ILE B 182 -9.15 15.86 17.43
C ILE B 182 -9.38 16.03 15.92
N THR B 183 -8.73 15.21 15.08
CA THR B 183 -8.83 15.34 13.64
C THR B 183 -9.75 14.27 13.07
N LEU B 184 -10.86 14.71 12.47
CA LEU B 184 -11.76 13.85 11.71
C LEU B 184 -11.24 13.73 10.28
N LEU B 185 -10.97 12.52 9.80
CA LEU B 185 -10.54 12.30 8.43
C LEU B 185 -11.70 11.73 7.62
N GLY B 186 -11.86 12.23 6.39
CA GLY B 186 -13.03 11.84 5.62
C GLY B 186 -13.03 12.16 4.14
N LEU B 187 -14.20 11.96 3.54
CA LEU B 187 -14.50 12.28 2.16
C LEU B 187 -15.81 13.05 2.11
N THR B 188 -15.88 14.05 1.22
CA THR B 188 -17.14 14.68 0.85
C THR B 188 -17.86 13.81 -0.17
N PRO B 189 -19.14 14.07 -0.48
CA PRO B 189 -19.85 13.37 -1.57
C PRO B 189 -19.14 13.47 -2.92
N GLU B 190 -18.45 14.59 -3.16
CA GLU B 190 -17.68 14.82 -4.38
C GLU B 190 -16.44 13.94 -4.45
N GLY B 191 -16.05 13.32 -3.33
CA GLY B 191 -14.84 12.52 -3.25
C GLY B 191 -13.59 13.33 -2.91
N HIS B 192 -13.75 14.58 -2.42
CA HIS B 192 -12.59 15.31 -1.91
C HIS B 192 -12.22 14.79 -0.51
N ARG B 193 -10.92 14.73 -0.23
CA ARG B 193 -10.39 14.31 1.06
C ARG B 193 -10.38 15.47 2.03
N VAL B 194 -10.92 15.26 3.23
CA VAL B 194 -11.03 16.33 4.20
C VAL B 194 -10.33 15.92 5.49
N ALA B 195 -9.81 16.89 6.21
CA ALA B 195 -9.48 16.74 7.60
C ALA B 195 -10.12 17.89 8.38
N VAL B 196 -10.97 17.58 9.35
CA VAL B 196 -11.57 18.60 10.18
C VAL B 196 -10.95 18.52 11.57
N HIS B 197 -10.26 19.60 11.96
CA HIS B 197 -9.56 19.69 13.24
C HIS B 197 -10.50 20.32 14.28
N VAL B 198 -10.95 19.50 15.24
CA VAL B 198 -11.86 19.93 16.30
C VAL B 198 -11.03 20.31 17.53
N TYR B 199 -11.23 21.56 17.99
CA TYR B 199 -10.49 22.13 19.10
C TYR B 199 -11.34 22.13 20.38
N GLY B 200 -10.66 22.26 21.53
CA GLY B 200 -11.34 22.53 22.80
C GLY B 200 -11.75 21.29 23.58
N THR B 201 -11.41 20.09 23.09
CA THR B 201 -11.64 18.86 23.85
C THR B 201 -10.61 18.79 24.99
N ARG B 202 -11.01 18.25 26.15
CA ARG B 202 -10.11 18.05 27.28
C ARG B 202 -10.35 16.68 27.96
N THR B 312 -18.12 7.81 15.42
CA THR B 312 -16.71 7.57 14.99
C THR B 312 -16.62 7.14 13.52
N PHE B 313 -17.75 6.78 12.90
CA PHE B 313 -17.78 6.44 11.48
C PHE B 313 -19.16 6.76 10.91
N GLY B 314 -19.23 7.78 10.04
CA GLY B 314 -20.51 8.23 9.54
C GLY B 314 -20.47 9.66 8.99
N TRP B 315 -21.66 10.11 8.55
CA TRP B 315 -21.80 11.40 7.90
C TRP B 315 -22.02 12.52 8.94
N TYR B 316 -21.41 13.67 8.64
CA TYR B 316 -21.44 14.86 9.47
C TYR B 316 -21.74 16.09 8.62
N ARG B 317 -22.21 17.15 9.28
CA ARG B 317 -22.50 18.45 8.67
C ARG B 317 -21.78 19.55 9.45
N LEU B 318 -21.22 20.53 8.74
CA LEU B 318 -20.63 21.72 9.34
C LEU B 318 -21.70 22.81 9.45
N LYS B 319 -21.77 23.48 10.63
CA LYS B 319 -22.78 24.50 10.88
C LYS B 319 -22.21 25.67 11.71
N ALA B 334 -0.11 25.12 5.81
CA ALA B 334 -0.83 25.06 7.12
C ALA B 334 -1.63 23.77 7.30
N PHE B 335 -1.84 22.99 6.22
CA PHE B 335 -2.47 21.70 6.36
C PHE B 335 -1.58 20.79 7.19
N GLY B 336 -2.21 19.92 7.97
CA GLY B 336 -1.48 18.98 8.77
C GLY B 336 -1.45 17.64 8.10
N THR B 337 -2.27 17.47 7.08
CA THR B 337 -2.46 16.17 6.46
C THR B 337 -2.43 16.26 4.92
N SER B 338 -2.34 15.08 4.33
CA SER B 338 -2.55 14.91 2.91
C SER B 338 -4.03 14.84 2.58
N SER B 339 -4.72 15.95 2.81
CA SER B 339 -6.11 16.13 2.42
C SER B 339 -6.21 17.19 1.31
N ASP B 340 -7.38 17.30 0.68
CA ASP B 340 -7.63 18.33 -0.31
C ASP B 340 -8.04 19.65 0.36
N VAL B 341 -8.82 19.57 1.45
CA VAL B 341 -9.20 20.73 2.25
C VAL B 341 -9.16 20.38 3.74
N GLU B 342 -8.90 21.39 4.59
CA GLU B 342 -8.83 21.21 6.03
C GLU B 342 -9.48 22.39 6.74
N PHE B 343 -10.08 22.11 7.90
CA PHE B 343 -10.88 23.08 8.63
C PHE B 343 -10.51 23.08 10.11
N ASN B 344 -10.58 24.26 10.74
CA ASN B 344 -10.53 24.40 12.19
C ASN B 344 -11.94 24.70 12.70
N CYS B 345 -12.38 23.97 13.73
CA CYS B 345 -13.72 24.14 14.27
C CYS B 345 -13.80 23.67 15.73
N THR B 346 -14.93 23.96 16.38
CA THR B 346 -15.23 23.40 17.70
C THR B 346 -16.37 22.39 17.56
N ALA B 347 -16.62 21.60 18.62
CA ALA B 347 -17.54 20.47 18.56
C ALA B 347 -18.98 20.93 18.30
N ASP B 348 -19.29 22.19 18.61
CA ASP B 348 -20.61 22.78 18.38
C ASP B 348 -20.85 23.05 16.88
N ASN B 349 -19.77 23.11 16.08
CA ASN B 349 -19.90 23.30 14.64
C ASN B 349 -20.27 22.00 13.92
N LEU B 350 -20.45 20.91 14.67
CA LEU B 350 -20.64 19.59 14.08
C LEU B 350 -21.97 18.99 14.53
N ALA B 351 -22.63 18.29 13.59
CA ALA B 351 -23.82 17.50 13.88
C ALA B 351 -23.81 16.27 12.97
N ILE B 352 -24.42 15.17 13.45
CA ILE B 352 -24.56 13.96 12.65
C ILE B 352 -25.56 14.26 11.53
N GLU B 353 -25.17 13.92 10.30
CA GLU B 353 -26.04 14.12 9.15
C GLU B 353 -26.96 12.90 9.00
N GLY B 354 -28.17 13.00 9.56
CA GLY B 354 -29.16 11.95 9.42
C GLY B 354 -29.65 11.81 7.97
N GLY B 355 -30.03 10.59 7.58
CA GLY B 355 -30.56 10.32 6.26
C GLY B 355 -29.47 10.03 5.22
N MET B 356 -28.19 10.04 5.65
CA MET B 356 -27.08 9.64 4.81
C MET B 356 -26.43 8.40 5.40
N SER B 357 -26.36 7.31 4.60
CA SER B 357 -25.86 6.03 5.08
C SER B 357 -25.04 5.27 4.01
N ASP B 358 -25.04 5.73 2.75
CA ASP B 358 -24.19 5.14 1.73
C ASP B 358 -22.76 5.66 1.89
N LEU B 359 -21.78 4.76 1.70
CA LEU B 359 -20.36 5.07 1.87
C LEU B 359 -19.89 5.98 0.73
N PRO B 360 -19.05 7.02 0.98
CA PRO B 360 -18.47 7.80 -0.11
C PRO B 360 -17.44 6.96 -0.87
N ALA B 361 -16.83 7.56 -1.88
CA ALA B 361 -15.88 6.87 -2.72
C ALA B 361 -14.49 6.74 -2.08
N TYR B 362 -14.39 6.06 -0.95
CA TYR B 362 -13.10 5.69 -0.40
C TYR B 362 -12.39 4.70 -1.31
N LYS B 363 -11.07 4.65 -1.19
CA LYS B 363 -10.25 3.78 -2.03
C LYS B 363 -9.65 2.68 -1.17
N LEU B 364 -9.67 1.47 -1.73
CA LEU B 364 -9.05 0.29 -1.15
C LEU B 364 -7.80 -0.04 -1.96
N MET B 365 -6.67 -0.26 -1.28
CA MET B 365 -5.48 -0.82 -1.91
C MET B 365 -5.30 -2.26 -1.45
N CYS B 366 -5.33 -3.21 -2.39
CA CYS B 366 -5.05 -4.58 -2.06
C CYS B 366 -3.65 -4.90 -2.57
N PHE B 367 -2.73 -5.28 -1.66
CA PHE B 367 -1.35 -5.44 -2.08
C PHE B 367 -0.73 -6.75 -1.60
N ASP B 368 0.35 -7.16 -2.29
CA ASP B 368 1.13 -8.36 -1.96
C ASP B 368 2.56 -8.16 -2.41
N ILE B 369 3.55 -8.52 -1.56
CA ILE B 369 4.96 -8.46 -1.94
C ILE B 369 5.48 -9.85 -2.30
N GLU B 370 6.41 -9.91 -3.26
CA GLU B 370 7.28 -11.06 -3.46
C GLU B 370 8.70 -10.72 -3.02
N CYS B 371 9.30 -11.64 -2.29
CA CYS B 371 10.66 -11.50 -1.81
C CYS B 371 11.53 -12.62 -2.37
N LYS B 372 12.83 -12.39 -2.40
CA LYS B 372 13.78 -13.33 -2.93
C LYS B 372 14.95 -13.33 -1.95
N ALA B 373 15.26 -14.47 -1.35
CA ALA B 373 16.40 -14.57 -0.45
C ALA B 373 17.67 -14.58 -1.27
N GLY B 374 18.69 -13.85 -0.84
CA GLY B 374 19.86 -13.61 -1.68
C GLY B 374 21.15 -14.23 -1.12
N GLY B 375 21.06 -15.00 -0.04
CA GLY B 375 22.23 -15.60 0.54
C GLY B 375 22.61 -16.91 -0.13
N GLU B 376 23.42 -17.72 0.57
CA GLU B 376 23.97 -18.93 -0.03
C GLU B 376 22.94 -20.06 -0.12
N ASP B 377 21.76 -19.91 0.48
CA ASP B 377 20.61 -20.75 0.18
C ASP B 377 19.47 -19.89 -0.36
N GLU B 378 19.17 -20.03 -1.66
CA GLU B 378 18.20 -19.19 -2.35
C GLU B 378 16.79 -19.57 -1.91
N LEU B 379 16.65 -20.73 -1.28
CA LEU B 379 15.36 -21.26 -0.86
C LEU B 379 15.05 -20.87 0.58
N ALA B 380 16.00 -20.26 1.28
CA ALA B 380 15.81 -19.86 2.68
C ALA B 380 14.71 -18.81 2.79
N PHE B 381 14.05 -18.80 3.94
CA PHE B 381 13.00 -17.84 4.18
C PHE B 381 13.63 -16.46 4.22
N PRO B 382 13.12 -15.44 3.51
CA PRO B 382 13.78 -14.15 3.47
C PRO B 382 13.62 -13.38 4.79
N VAL B 383 14.71 -12.78 5.24
CA VAL B 383 14.76 -12.03 6.47
C VAL B 383 15.04 -10.57 6.11
N ALA B 384 14.20 -9.66 6.59
CA ALA B 384 14.23 -8.30 6.12
C ALA B 384 15.55 -7.61 6.50
N GLY B 385 16.11 -8.00 7.64
CA GLY B 385 17.36 -7.42 8.12
C GLY B 385 18.59 -7.82 7.33
N HIS B 386 18.50 -8.88 6.53
CA HIS B 386 19.57 -9.28 5.63
C HIS B 386 19.53 -8.39 4.39
N PRO B 387 20.53 -7.51 4.13
CA PRO B 387 20.51 -6.63 2.97
C PRO B 387 20.28 -7.31 1.62
N GLU B 388 20.70 -8.59 1.48
CA GLU B 388 20.64 -9.30 0.21
C GLU B 388 19.32 -10.03 -0.01
N ASP B 389 18.45 -10.11 1.02
CA ASP B 389 17.12 -10.69 0.87
C ASP B 389 16.13 -9.60 0.44
N LEU B 390 15.86 -9.51 -0.86
CA LEU B 390 15.21 -8.35 -1.44
C LEU B 390 13.72 -8.56 -1.68
N VAL B 391 12.94 -7.50 -1.52
CA VAL B 391 11.62 -7.42 -2.15
C VAL B 391 11.88 -7.21 -3.62
N ILE B 392 11.26 -8.07 -4.46
CA ILE B 392 11.49 -8.01 -5.90
C ILE B 392 10.24 -7.53 -6.65
N GLN B 393 9.05 -7.71 -6.10
CA GLN B 393 7.85 -7.22 -6.76
C GLN B 393 6.80 -6.83 -5.72
N ILE B 394 5.98 -5.82 -6.05
CA ILE B 394 4.80 -5.49 -5.27
C ILE B 394 3.61 -5.35 -6.23
N SER B 395 2.60 -6.21 -6.09
CA SER B 395 1.35 -5.97 -6.79
C SER B 395 0.52 -5.02 -5.93
N CYS B 396 -0.14 -4.07 -6.57
CA CYS B 396 -0.88 -3.03 -5.88
C CYS B 396 -2.15 -2.70 -6.66
N LEU B 397 -3.30 -3.23 -6.19
CA LEU B 397 -4.57 -3.11 -6.90
C LEU B 397 -5.42 -2.08 -6.16
N LEU B 398 -5.94 -1.09 -6.89
CA LEU B 398 -6.67 0.00 -6.27
C LEU B 398 -8.13 -0.07 -6.70
N TYR B 399 -9.02 -0.21 -5.71
CA TYR B 399 -10.44 -0.37 -5.95
C TYR B 399 -11.22 0.81 -5.36
N ASP B 400 -12.37 1.10 -5.96
CA ASP B 400 -13.33 1.99 -5.34
C ASP B 400 -14.19 1.19 -4.37
N LEU B 401 -14.17 1.56 -3.10
CA LEU B 401 -14.77 0.76 -2.05
C LEU B 401 -16.30 0.89 -2.08
N SER B 402 -16.83 1.97 -2.66
CA SER B 402 -18.27 2.15 -2.75
C SER B 402 -18.87 1.37 -3.92
N THR B 403 -18.23 1.41 -5.11
CA THR B 403 -18.78 0.76 -6.31
C THR B 403 -18.24 -0.67 -6.47
N THR B 404 -17.16 -1.00 -5.77
CA THR B 404 -16.38 -2.24 -5.85
C THR B 404 -15.54 -2.32 -7.13
N ALA B 405 -15.51 -1.29 -7.95
CA ALA B 405 -14.79 -1.34 -9.21
C ALA B 405 -13.27 -1.34 -8.99
N LEU B 406 -12.57 -2.25 -9.71
CA LEU B 406 -11.12 -2.20 -9.75
C LEU B 406 -10.71 -1.08 -10.71
N GLU B 407 -9.95 -0.10 -10.22
CA GLU B 407 -9.62 1.07 -11.02
C GLU B 407 -8.19 1.01 -11.58
N HIS B 408 -7.24 0.42 -10.84
CA HIS B 408 -5.87 0.36 -11.29
C HIS B 408 -5.21 -0.95 -10.90
N VAL B 409 -4.43 -1.50 -11.83
CA VAL B 409 -3.60 -2.67 -11.59
C VAL B 409 -2.16 -2.22 -11.76
N LEU B 410 -1.41 -2.17 -10.66
CA LEU B 410 -0.02 -1.77 -10.67
C LEU B 410 0.85 -2.97 -10.28
N LEU B 411 1.95 -3.18 -11.00
CA LEU B 411 3.01 -4.07 -10.58
C LEU B 411 4.32 -3.30 -10.46
N PHE B 412 4.81 -3.17 -9.23
CA PHE B 412 6.15 -2.68 -8.99
C PHE B 412 7.12 -3.85 -9.18
N SER B 413 8.21 -3.63 -9.94
CA SER B 413 9.12 -4.68 -10.29
C SER B 413 10.57 -4.23 -10.15
N LEU B 414 11.35 -4.99 -9.38
CA LEU B 414 12.79 -4.82 -9.35
C LEU B 414 13.38 -5.55 -10.54
N GLY B 415 13.84 -4.77 -11.52
CA GLY B 415 14.28 -5.32 -12.78
C GLY B 415 13.16 -5.29 -13.82
N SER B 416 13.56 -5.48 -15.08
CA SER B 416 12.64 -5.43 -16.20
C SER B 416 11.63 -6.59 -16.14
N CYS B 417 10.44 -6.37 -16.65
CA CYS B 417 9.35 -7.28 -16.39
C CYS B 417 8.29 -7.15 -17.48
N ASP B 418 8.18 -8.17 -18.35
CA ASP B 418 7.25 -8.15 -19.46
C ASP B 418 6.11 -9.15 -19.17
N LEU B 419 4.95 -8.68 -18.66
CA LEU B 419 3.80 -9.53 -18.41
C LEU B 419 3.41 -10.29 -19.67
N PRO B 420 3.00 -11.58 -19.58
CA PRO B 420 2.63 -12.34 -20.76
C PRO B 420 1.34 -11.86 -21.45
N GLU B 421 1.30 -11.98 -22.78
CA GLU B 421 0.09 -11.71 -23.55
C GLU B 421 -1.14 -12.42 -22.98
N SER B 422 -1.02 -13.71 -22.64
CA SER B 422 -2.19 -14.46 -22.17
C SER B 422 -2.84 -13.82 -20.94
N HIS B 423 -2.03 -13.26 -20.04
CA HIS B 423 -2.50 -12.61 -18.84
C HIS B 423 -3.19 -11.27 -19.17
N LEU B 424 -2.54 -10.47 -20.03
CA LEU B 424 -3.09 -9.22 -20.52
C LEU B 424 -4.44 -9.44 -21.24
N ASN B 425 -4.54 -10.48 -22.07
CA ASN B 425 -5.76 -10.80 -22.77
C ASN B 425 -6.85 -11.28 -21.79
N GLU B 426 -6.48 -12.03 -20.75
CA GLU B 426 -7.43 -12.51 -19.77
C GLU B 426 -8.03 -11.32 -18.99
N LEU B 427 -7.20 -10.36 -18.57
CA LEU B 427 -7.69 -9.24 -17.79
C LEU B 427 -8.61 -8.39 -18.67
N ALA B 428 -8.22 -8.17 -19.92
CA ALA B 428 -9.04 -7.47 -20.88
C ALA B 428 -10.39 -8.18 -21.07
N ALA B 429 -10.41 -9.51 -21.13
CA ALA B 429 -11.64 -10.28 -21.31
C ALA B 429 -12.53 -10.24 -20.05
N ARG B 430 -11.92 -10.14 -18.87
CA ARG B 430 -12.63 -9.88 -17.62
C ARG B 430 -13.00 -8.39 -17.47
N GLY B 431 -12.65 -7.54 -18.45
CA GLY B 431 -13.00 -6.13 -18.41
C GLY B 431 -12.23 -5.32 -17.36
N LEU B 432 -11.08 -5.82 -16.90
CA LEU B 432 -10.34 -5.20 -15.82
C LEU B 432 -9.31 -4.23 -16.38
N PRO B 433 -8.79 -3.28 -15.57
CA PRO B 433 -7.81 -2.31 -16.09
C PRO B 433 -6.52 -2.98 -16.56
N THR B 434 -5.94 -2.45 -17.63
CA THR B 434 -4.69 -2.99 -18.18
C THR B 434 -3.56 -2.71 -17.19
N PRO B 435 -2.76 -3.71 -16.77
CA PRO B 435 -1.72 -3.48 -15.76
C PRO B 435 -0.69 -2.45 -16.22
N VAL B 436 -0.26 -1.62 -15.28
CA VAL B 436 0.90 -0.77 -15.44
C VAL B 436 2.08 -1.39 -14.70
N VAL B 437 3.15 -1.68 -15.42
CA VAL B 437 4.37 -2.21 -14.83
C VAL B 437 5.36 -1.08 -14.61
N LEU B 438 5.68 -0.89 -13.33
CA LEU B 438 6.69 0.05 -12.92
C LEU B 438 7.97 -0.74 -12.66
N GLU B 439 9.02 -0.45 -13.43
CA GLU B 439 10.28 -1.15 -13.34
C GLU B 439 11.28 -0.26 -12.60
N PHE B 440 12.17 -0.88 -11.81
CA PHE B 440 13.15 -0.15 -11.02
C PHE B 440 14.49 -0.88 -11.07
N ASP B 441 15.60 -0.16 -10.90
CA ASP B 441 16.92 -0.73 -10.93
C ASP B 441 17.35 -1.27 -9.56
N SER B 442 16.71 -0.83 -8.46
CA SER B 442 17.12 -1.23 -7.11
C SER B 442 15.92 -1.35 -6.17
N GLU B 443 16.15 -2.00 -5.02
CA GLU B 443 15.10 -2.19 -4.02
C GLU B 443 14.66 -0.85 -3.41
N PHE B 444 15.58 0.05 -3.10
CA PHE B 444 15.19 1.32 -2.51
C PHE B 444 14.26 2.13 -3.42
N GLU B 445 14.57 2.20 -4.72
CA GLU B 445 13.76 2.98 -5.67
C GLU B 445 12.34 2.38 -5.75
N MET B 446 12.25 1.06 -5.71
CA MET B 446 10.96 0.42 -5.72
C MET B 446 10.19 0.66 -4.41
N LEU B 447 10.83 0.47 -3.25
CA LEU B 447 10.16 0.69 -1.98
C LEU B 447 9.79 2.15 -1.77
N LEU B 448 10.68 3.07 -2.12
CA LEU B 448 10.35 4.48 -2.11
C LEU B 448 9.13 4.79 -2.98
N ALA B 449 9.03 4.21 -4.17
CA ALA B 449 7.92 4.46 -5.05
C ALA B 449 6.63 3.89 -4.48
N PHE B 450 6.65 2.68 -3.94
CA PHE B 450 5.47 2.15 -3.28
C PHE B 450 4.99 3.08 -2.17
N MET B 451 5.91 3.53 -1.30
CA MET B 451 5.55 4.40 -0.20
C MET B 451 5.09 5.75 -0.75
N THR B 452 5.66 6.19 -1.89
CA THR B 452 5.24 7.40 -2.54
C THR B 452 3.81 7.28 -3.02
N LEU B 453 3.45 6.15 -3.64
CA LEU B 453 2.07 5.87 -4.03
C LEU B 453 1.16 5.83 -2.81
N VAL B 454 1.57 5.15 -1.75
CA VAL B 454 0.77 5.09 -0.53
C VAL B 454 0.49 6.50 0.00
N LYS B 455 1.45 7.40 -0.04
CA LYS B 455 1.24 8.73 0.51
C LYS B 455 0.41 9.55 -0.48
N GLN B 456 0.68 9.41 -1.79
CA GLN B 456 0.07 10.27 -2.78
C GLN B 456 -1.36 9.87 -3.09
N TYR B 457 -1.63 8.58 -3.19
CA TYR B 457 -2.98 8.11 -3.47
C TYR B 457 -3.75 7.98 -2.15
N GLY B 458 -3.07 7.62 -1.08
CA GLY B 458 -3.68 7.68 0.22
C GLY B 458 -4.89 6.78 0.38
N PRO B 459 -4.79 5.46 0.12
CA PRO B 459 -5.95 4.56 0.24
C PRO B 459 -6.39 4.55 1.70
N GLU B 460 -7.64 4.96 1.94
CA GLU B 460 -8.20 5.00 3.27
C GLU B 460 -8.28 3.58 3.86
N PHE B 461 -8.41 2.57 2.99
CA PHE B 461 -8.46 1.19 3.43
C PHE B 461 -7.39 0.39 2.67
N VAL B 462 -6.74 -0.54 3.37
CA VAL B 462 -5.70 -1.36 2.77
C VAL B 462 -5.97 -2.80 3.18
N THR B 463 -5.83 -3.70 2.21
CA THR B 463 -6.05 -5.10 2.46
C THR B 463 -4.99 -5.95 1.76
N GLY B 464 -5.04 -7.23 2.07
CA GLY B 464 -4.08 -8.17 1.56
C GLY B 464 -4.24 -9.47 2.32
N TYR B 465 -3.41 -10.46 2.04
CA TYR B 465 -3.46 -11.74 2.75
C TYR B 465 -2.18 -11.92 3.54
N ASN B 466 -2.31 -11.95 4.85
CA ASN B 466 -1.18 -12.00 5.78
C ASN B 466 -0.30 -10.76 5.66
N ILE B 467 -0.85 -9.63 5.22
CA ILE B 467 -0.07 -8.40 5.12
C ILE B 467 0.40 -7.91 6.48
N ILE B 468 -0.31 -8.25 7.57
CA ILE B 468 0.03 -7.74 8.88
C ILE B 468 1.16 -8.58 9.51
N ASN B 469 1.19 -9.89 9.26
CA ASN B 469 2.21 -10.73 9.84
C ASN B 469 3.39 -10.90 8.90
N PHE B 470 3.27 -10.55 7.61
CA PHE B 470 4.44 -10.65 6.75
C PHE B 470 4.75 -9.34 6.01
N ASP B 471 3.86 -8.93 5.09
CA ASP B 471 4.23 -7.95 4.06
C ASP B 471 4.62 -6.60 4.66
N TRP B 472 3.71 -6.02 5.47
CA TRP B 472 4.01 -4.77 6.12
C TRP B 472 5.28 -4.87 7.00
N PRO B 473 5.41 -5.84 7.95
CA PRO B 473 6.64 -5.96 8.72
C PRO B 473 7.92 -6.03 7.89
N PHE B 474 7.90 -6.76 6.75
CA PHE B 474 9.07 -6.89 5.88
C PHE B 474 9.43 -5.56 5.24
N LEU B 475 8.45 -4.87 4.65
CA LEU B 475 8.67 -3.58 4.00
C LEU B 475 9.20 -2.58 5.02
N LEU B 476 8.55 -2.50 6.18
CA LEU B 476 8.91 -1.46 7.14
C LEU B 476 10.28 -1.72 7.78
N ALA B 477 10.65 -2.99 7.94
CA ALA B 477 11.99 -3.37 8.38
C ALA B 477 13.03 -2.91 7.36
N LYS B 478 12.78 -3.13 6.04
CA LYS B 478 13.69 -2.67 5.01
C LYS B 478 13.83 -1.16 5.08
N LEU B 479 12.68 -0.47 5.12
CA LEU B 479 12.66 0.98 5.05
C LEU B 479 13.31 1.63 6.25
N THR B 480 13.26 0.96 7.40
CA THR B 480 13.68 1.55 8.66
C THR B 480 15.13 1.20 8.98
N ASP B 481 15.52 -0.05 8.70
CA ASP B 481 16.78 -0.59 9.16
C ASP B 481 17.86 -0.50 8.07
N ILE B 482 17.50 -0.89 6.85
CA ILE B 482 18.44 -0.93 5.74
C ILE B 482 18.58 0.48 5.19
N TYR B 483 17.45 1.04 4.77
CA TYR B 483 17.36 2.43 4.31
C TYR B 483 16.94 3.17 5.55
N LYS B 484 17.28 4.44 5.74
CA LYS B 484 16.95 5.00 7.04
C LYS B 484 15.76 5.97 6.94
N VAL B 485 14.65 5.48 6.38
CA VAL B 485 13.55 6.34 5.95
C VAL B 485 12.61 6.51 7.14
N PRO B 486 12.34 7.74 7.62
CA PRO B 486 11.35 7.92 8.67
C PRO B 486 9.95 7.68 8.09
N LEU B 487 9.11 6.95 8.84
CA LEU B 487 7.80 6.53 8.38
C LEU B 487 6.66 7.41 8.92
N ASP B 488 6.99 8.37 9.77
CA ASP B 488 5.95 9.10 10.48
C ASP B 488 5.21 10.13 9.62
N GLY B 489 5.68 10.43 8.39
CA GLY B 489 4.96 11.28 7.46
C GLY B 489 4.28 10.49 6.33
N TYR B 490 4.33 9.14 6.39
CA TYR B 490 3.80 8.33 5.29
C TYR B 490 2.35 7.92 5.49
N GLY B 491 1.78 8.16 6.65
CA GLY B 491 0.33 8.04 6.78
C GLY B 491 -0.38 9.29 6.26
N ARG B 492 -1.59 9.51 6.79
CA ARG B 492 -2.38 10.67 6.43
C ARG B 492 -1.71 11.95 6.90
N MET B 493 -1.17 11.96 8.11
CA MET B 493 -0.48 13.13 8.64
C MET B 493 0.84 13.35 7.89
N ASN B 494 1.31 14.58 7.82
CA ASN B 494 2.47 14.88 7.00
C ASN B 494 3.79 14.68 7.76
N GLY B 495 3.71 14.59 9.09
CA GLY B 495 4.83 14.16 9.92
C GLY B 495 4.34 13.99 11.35
N ARG B 496 5.15 13.30 12.18
CA ARG B 496 4.87 13.02 13.59
C ARG B 496 3.62 12.17 13.76
N GLY B 497 3.26 11.38 12.74
CA GLY B 497 2.11 10.49 12.80
C GLY B 497 2.54 9.05 13.11
N VAL B 498 1.61 8.22 13.58
CA VAL B 498 1.90 6.84 13.93
C VAL B 498 2.00 6.02 12.65
N PHE B 499 3.05 5.20 12.56
CA PHE B 499 3.22 4.26 11.47
C PHE B 499 4.06 3.08 11.96
N ARG B 500 3.44 2.12 12.65
CA ARG B 500 4.21 1.14 13.38
C ARG B 500 3.53 -0.21 13.41
N VAL B 501 4.39 -1.23 13.27
CA VAL B 501 4.04 -2.64 13.42
C VAL B 501 4.65 -3.12 14.73
N TRP B 502 3.91 -3.97 15.45
CA TRP B 502 4.45 -4.56 16.67
C TRP B 502 3.81 -5.92 16.91
N ASP B 503 4.53 -6.79 17.63
CA ASP B 503 4.17 -8.20 17.70
C ASP B 503 3.43 -8.51 19.02
N ARG B 512 2.40 -13.26 15.21
CA ARG B 512 1.30 -12.34 14.83
C ARG B 512 1.64 -10.90 15.23
N SER B 513 1.09 -9.93 14.47
CA SER B 513 1.39 -8.52 14.66
C SER B 513 0.12 -7.67 14.69
N LYS B 514 0.21 -6.50 15.33
CA LYS B 514 -0.70 -5.38 15.09
C LYS B 514 -0.05 -4.45 14.06
N ILE B 515 -0.85 -3.55 13.49
CA ILE B 515 -0.32 -2.41 12.77
C ILE B 515 -1.19 -1.19 13.07
N LYS B 516 -0.55 -0.04 13.21
CA LYS B 516 -1.25 1.21 13.15
C LYS B 516 -0.57 2.12 12.17
N VAL B 517 -1.28 2.52 11.12
CA VAL B 517 -0.91 3.64 10.26
C VAL B 517 -2.01 4.70 10.37
N ASN B 518 -1.65 5.87 10.83
CA ASN B 518 -2.61 6.94 11.03
C ASN B 518 -3.37 7.26 9.72
N GLY B 519 -4.70 7.29 9.79
CA GLY B 519 -5.50 7.57 8.63
C GLY B 519 -5.64 6.42 7.64
N MET B 520 -5.23 5.20 7.99
CA MET B 520 -5.35 4.06 7.07
C MET B 520 -5.89 2.86 7.83
N VAL B 521 -6.95 2.24 7.31
CA VAL B 521 -7.57 1.09 7.95
C VAL B 521 -7.03 -0.18 7.34
N ASN B 522 -6.17 -0.88 8.09
CA ASN B 522 -5.58 -2.11 7.58
C ASN B 522 -6.44 -3.33 7.96
N ILE B 523 -6.92 -4.06 6.95
CA ILE B 523 -7.78 -5.21 7.16
C ILE B 523 -7.15 -6.40 6.45
N ASP B 524 -6.71 -7.38 7.24
CA ASP B 524 -6.01 -8.53 6.72
C ASP B 524 -7.03 -9.64 6.49
N MET B 525 -7.14 -10.07 5.23
CA MET B 525 -8.17 -11.01 4.86
C MET B 525 -7.90 -12.37 5.51
N TYR B 526 -6.65 -12.64 5.90
CA TYR B 526 -6.31 -13.90 6.54
C TYR B 526 -7.04 -13.99 7.89
N GLY B 527 -6.96 -12.90 8.67
CA GLY B 527 -7.71 -12.82 9.92
C GLY B 527 -9.20 -12.97 9.71
N ILE B 528 -9.76 -12.31 8.70
CA ILE B 528 -11.20 -12.33 8.42
C ILE B 528 -11.62 -13.75 8.11
N ILE B 529 -10.84 -14.46 7.29
CA ILE B 529 -11.25 -15.75 6.78
C ILE B 529 -11.10 -16.85 7.83
N THR B 530 -10.01 -16.86 8.58
CA THR B 530 -9.83 -17.82 9.67
C THR B 530 -10.91 -17.62 10.72
N ASP B 531 -11.36 -16.38 10.94
CA ASP B 531 -12.43 -16.09 11.89
C ASP B 531 -13.80 -16.53 11.39
N LYS B 532 -13.93 -16.87 10.10
CA LYS B 532 -15.24 -16.94 9.46
C LYS B 532 -15.53 -18.29 8.83
N ILE B 533 -14.54 -18.93 8.18
CA ILE B 533 -14.72 -20.23 7.54
C ILE B 533 -13.86 -21.26 8.26
N LYS B 534 -14.30 -22.51 8.38
CA LYS B 534 -13.45 -23.57 8.91
C LYS B 534 -12.81 -24.37 7.77
N LEU B 535 -11.46 -24.39 7.71
CA LEU B 535 -10.76 -25.04 6.62
C LEU B 535 -9.57 -25.84 7.14
N SER B 536 -9.19 -26.87 6.37
CA SER B 536 -8.05 -27.72 6.64
C SER B 536 -6.76 -26.95 6.40
N SER B 537 -6.80 -25.97 5.49
CA SER B 537 -5.67 -25.11 5.16
C SER B 537 -6.17 -23.70 4.88
N TYR B 538 -5.41 -22.71 5.34
CA TYR B 538 -5.74 -21.32 5.09
C TYR B 538 -4.71 -20.69 4.20
N LYS B 539 -3.94 -21.51 3.46
CA LYS B 539 -3.18 -20.98 2.35
C LYS B 539 -4.12 -20.35 1.32
N LEU B 540 -3.70 -19.23 0.71
CA LEU B 540 -4.55 -18.44 -0.17
C LEU B 540 -5.14 -19.31 -1.28
N ASN B 541 -4.38 -20.28 -1.79
CA ASN B 541 -4.83 -21.13 -2.88
C ASN B 541 -5.99 -22.01 -2.43
N ALA B 542 -5.85 -22.66 -1.28
CA ALA B 542 -6.86 -23.54 -0.75
C ALA B 542 -8.12 -22.74 -0.43
N VAL B 543 -7.94 -21.50 0.05
CA VAL B 543 -9.05 -20.62 0.36
C VAL B 543 -9.77 -20.25 -0.92
N ALA B 544 -9.03 -19.92 -1.98
CA ALA B 544 -9.67 -19.56 -3.23
C ALA B 544 -10.45 -20.75 -3.79
N GLU B 545 -9.90 -21.95 -3.71
CA GLU B 545 -10.61 -23.14 -4.15
C GLU B 545 -11.88 -23.36 -3.33
N ALA B 546 -11.84 -23.10 -2.01
CA ALA B 546 -12.93 -23.37 -1.08
C ALA B 546 -14.07 -22.36 -1.20
N VAL B 547 -13.72 -21.06 -1.21
CA VAL B 547 -14.65 -19.95 -1.06
C VAL B 547 -15.11 -19.43 -2.43
N LEU B 548 -14.17 -19.08 -3.31
CA LEU B 548 -14.45 -18.50 -4.62
C LEU B 548 -14.71 -19.58 -5.67
N LYS B 549 -14.44 -20.84 -5.34
CA LYS B 549 -14.50 -21.96 -6.26
C LYS B 549 -13.51 -21.75 -7.43
N ASP B 550 -12.43 -21.00 -7.19
CA ASP B 550 -11.52 -20.56 -8.24
C ASP B 550 -10.18 -21.27 -8.05
N LYS B 551 -9.92 -22.24 -8.94
CA LYS B 551 -8.77 -23.12 -8.87
C LYS B 551 -7.55 -22.42 -9.44
N LYS B 552 -6.96 -21.51 -8.65
CA LYS B 552 -5.71 -20.86 -9.00
C LYS B 552 -4.61 -21.91 -9.13
N LYS B 553 -3.84 -21.81 -10.22
CA LYS B 553 -2.55 -22.47 -10.33
C LYS B 553 -1.50 -21.59 -9.64
N ASP B 554 -0.61 -22.24 -8.87
CA ASP B 554 0.29 -21.55 -7.96
C ASP B 554 1.74 -21.67 -8.45
N LEU B 555 2.44 -20.53 -8.47
CA LEU B 555 3.88 -20.51 -8.69
C LEU B 555 4.58 -20.78 -7.36
N SER B 556 5.43 -21.81 -7.31
CA SER B 556 6.12 -22.20 -6.09
C SER B 556 7.17 -21.14 -5.71
N TYR B 557 7.40 -20.91 -4.41
CA TYR B 557 8.55 -20.12 -4.00
C TYR B 557 9.86 -20.75 -4.48
N ARG B 558 9.83 -22.06 -4.71
CA ARG B 558 10.96 -22.83 -5.23
C ARG B 558 11.33 -22.44 -6.65
N ASP B 559 10.34 -21.90 -7.39
CA ASP B 559 10.49 -21.48 -8.79
C ASP B 559 11.06 -20.06 -8.88
N ILE B 560 10.74 -19.21 -7.89
CA ILE B 560 11.01 -17.78 -7.98
C ILE B 560 12.46 -17.47 -8.35
N PRO B 561 13.50 -18.02 -7.69
CA PRO B 561 14.88 -17.66 -8.04
C PRO B 561 15.28 -18.02 -9.47
N ALA B 562 14.85 -19.18 -9.96
CA ALA B 562 15.21 -19.59 -11.30
C ALA B 562 14.46 -18.77 -12.35
N TYR B 563 13.19 -18.46 -12.10
CA TYR B 563 12.44 -17.56 -12.95
C TYR B 563 13.04 -16.16 -12.95
N TYR B 564 13.36 -15.62 -11.78
CA TYR B 564 13.86 -14.26 -11.66
C TYR B 564 15.16 -14.06 -12.44
N ALA B 565 16.01 -15.07 -12.44
CA ALA B 565 17.29 -15.02 -13.10
C ALA B 565 17.18 -15.24 -14.61
N ALA B 566 16.01 -15.60 -15.13
CA ALA B 566 15.93 -16.08 -16.50
C ALA B 566 15.80 -14.94 -17.51
N GLY B 567 15.17 -13.83 -17.11
CA GLY B 567 14.96 -12.71 -18.00
C GLY B 567 13.62 -12.01 -17.73
N PRO B 568 13.31 -10.95 -18.50
CA PRO B 568 12.09 -10.16 -18.27
C PRO B 568 10.78 -10.93 -18.56
N ALA B 569 10.79 -11.89 -19.49
CA ALA B 569 9.61 -12.72 -19.72
C ALA B 569 9.26 -13.56 -18.48
N GLN B 570 10.28 -14.21 -17.89
CA GLN B 570 10.07 -15.05 -16.72
C GLN B 570 9.79 -14.20 -15.47
N ARG B 571 10.40 -13.02 -15.34
CA ARG B 571 9.99 -12.08 -14.30
C ARG B 571 8.55 -11.62 -14.52
N GLY B 572 8.09 -11.64 -15.77
CA GLY B 572 6.70 -11.39 -16.12
C GLY B 572 5.77 -12.49 -15.63
N VAL B 573 6.22 -13.74 -15.67
CA VAL B 573 5.46 -14.82 -15.06
C VAL B 573 5.38 -14.63 -13.55
N ILE B 574 6.45 -14.19 -12.88
CA ILE B 574 6.36 -13.88 -11.46
C ILE B 574 5.30 -12.79 -11.26
N GLY B 575 5.36 -11.74 -12.08
CA GLY B 575 4.41 -10.65 -12.03
C GLY B 575 2.96 -11.09 -12.22
N GLU B 576 2.67 -11.94 -13.20
CA GLU B 576 1.32 -12.44 -13.42
C GLU B 576 0.77 -13.09 -12.15
N TYR B 577 1.54 -14.00 -11.56
N TYR B 577 1.52 -14.02 -11.57
CA TYR B 577 1.06 -14.75 -10.40
CA TYR B 577 1.08 -14.76 -10.40
C TYR B 577 0.92 -13.82 -9.19
N CYS B 578 1.75 -12.78 -9.10
CA CYS B 578 1.62 -11.78 -8.05
C CYS B 578 0.33 -10.97 -8.22
N ILE B 579 -0.01 -10.57 -9.45
CA ILE B 579 -1.28 -9.90 -9.74
C ILE B 579 -2.47 -10.81 -9.44
N GLN B 580 -2.45 -12.08 -9.90
N GLN B 580 -2.42 -12.08 -9.89
CA GLN B 580 -3.55 -13.02 -9.68
CA GLN B 580 -3.54 -12.98 -9.71
C GLN B 580 -3.84 -13.21 -8.20
C GLN B 580 -3.78 -13.27 -8.22
N ASP B 581 -2.78 -13.21 -7.38
N ASP B 581 -2.74 -13.22 -7.38
CA ASP B 581 -2.92 -13.32 -5.93
C ASP B 581 -3.75 -12.13 -5.41
N SER B 582 -3.34 -10.91 -5.75
CA SER B 582 -4.03 -9.74 -5.27
C SER B 582 -5.47 -9.69 -5.78
N LEU B 583 -5.73 -10.21 -6.98
CA LEU B 583 -7.07 -10.25 -7.53
C LEU B 583 -7.98 -11.19 -6.74
N LEU B 584 -7.48 -12.34 -6.31
CA LEU B 584 -8.25 -13.24 -5.45
C LEU B 584 -8.55 -12.56 -4.12
N VAL B 585 -7.56 -11.85 -3.56
CA VAL B 585 -7.78 -11.23 -2.28
C VAL B 585 -8.82 -10.11 -2.40
N GLY B 586 -8.84 -9.41 -3.52
CA GLY B 586 -9.92 -8.48 -3.78
C GLY B 586 -11.27 -9.16 -3.83
N GLN B 587 -11.40 -10.30 -4.51
CA GLN B 587 -12.65 -11.00 -4.59
C GLN B 587 -13.13 -11.46 -3.21
N LEU B 588 -12.19 -11.96 -2.37
CA LEU B 588 -12.50 -12.34 -1.01
C LEU B 588 -12.97 -11.12 -0.23
N PHE B 589 -12.23 -10.00 -0.35
CA PHE B 589 -12.60 -8.76 0.34
C PHE B 589 -14.03 -8.39 0.01
N PHE B 590 -14.38 -8.35 -1.28
CA PHE B 590 -15.71 -7.89 -1.69
C PHE B 590 -16.79 -8.93 -1.41
N LYS B 591 -16.42 -10.18 -1.11
CA LYS B 591 -17.40 -11.17 -0.71
C LYS B 591 -17.81 -10.97 0.77
N PHE B 592 -16.84 -10.78 1.65
CA PHE B 592 -17.13 -10.73 3.07
C PHE B 592 -17.44 -9.31 3.52
N LEU B 593 -16.92 -8.29 2.83
CA LEU B 593 -17.20 -6.89 3.11
C LEU B 593 -16.86 -6.63 4.57
N PRO B 594 -15.59 -6.91 4.96
CA PRO B 594 -15.17 -6.80 6.36
C PRO B 594 -15.27 -5.37 6.89
N HIS B 595 -15.11 -4.39 6.01
CA HIS B 595 -15.20 -2.98 6.36
C HIS B 595 -16.61 -2.63 6.84
N LEU B 596 -17.63 -3.33 6.33
CA LEU B 596 -19.00 -3.11 6.78
C LEU B 596 -19.20 -3.66 8.20
N GLU B 597 -18.63 -4.83 8.48
CA GLU B 597 -18.70 -5.43 9.80
C GLU B 597 -17.97 -4.55 10.82
N LEU B 598 -16.75 -4.12 10.49
CA LEU B 598 -15.93 -3.35 11.42
C LEU B 598 -16.48 -1.96 11.66
N SER B 599 -17.02 -1.30 10.61
CA SER B 599 -17.61 0.03 10.77
C SER B 599 -18.88 -0.04 11.61
N ALA B 600 -19.67 -1.12 11.46
CA ALA B 600 -20.86 -1.32 12.26
C ALA B 600 -20.51 -1.40 13.75
N VAL B 601 -19.47 -2.20 14.08
CA VAL B 601 -18.99 -2.31 15.44
C VAL B 601 -18.43 -0.97 15.91
N ALA B 602 -17.68 -0.25 15.06
CA ALA B 602 -17.11 1.04 15.40
C ALA B 602 -18.22 2.04 15.76
N ARG B 603 -19.31 2.06 15.00
CA ARG B 603 -20.45 2.91 15.29
C ARG B 603 -21.05 2.55 16.66
N LEU B 604 -21.42 1.28 16.82
CA LEU B 604 -22.09 0.78 18.02
C LEU B 604 -21.27 1.02 19.28
N ALA B 605 -19.98 0.64 19.25
CA ALA B 605 -19.13 0.62 20.43
C ALA B 605 -18.52 1.98 20.76
N GLY B 606 -18.64 2.96 19.85
CA GLY B 606 -18.21 4.32 20.11
C GLY B 606 -16.70 4.53 20.00
N ILE B 607 -16.01 3.62 19.29
CA ILE B 607 -14.56 3.66 19.12
C ILE B 607 -14.20 3.77 17.63
N ASN B 608 -13.01 4.26 17.30
N ASN B 608 -12.99 4.27 17.32
CA ASN B 608 -12.62 4.36 15.90
CA ASN B 608 -12.50 4.36 15.93
C ASN B 608 -12.36 2.95 15.34
N ILE B 609 -12.48 2.82 14.02
CA ILE B 609 -12.42 1.55 13.33
C ILE B 609 -11.04 0.89 13.50
N THR B 610 -9.96 1.69 13.61
CA THR B 610 -8.63 1.16 13.86
C THR B 610 -8.61 0.38 15.18
N ARG B 611 -9.00 1.05 16.28
CA ARG B 611 -9.10 0.42 17.58
C ARG B 611 -10.07 -0.76 17.55
N THR B 612 -11.15 -0.65 16.75
CA THR B 612 -12.10 -1.75 16.60
C THR B 612 -11.38 -3.02 16.12
N ILE B 613 -10.42 -2.88 15.20
CA ILE B 613 -9.66 -3.99 14.66
C ILE B 613 -8.62 -4.48 15.68
N TYR B 614 -7.77 -3.58 16.20
CA TYR B 614 -6.50 -3.96 16.80
C TYR B 614 -6.58 -4.05 18.32
N ASP B 615 -7.55 -3.36 18.97
CA ASP B 615 -7.77 -3.53 20.40
C ASP B 615 -8.76 -4.67 20.63
N GLY B 616 -8.70 -5.27 21.84
CA GLY B 616 -9.50 -6.44 22.17
C GLY B 616 -11.00 -6.16 22.18
#